data_7RCR
#
_entry.id   7RCR
#
_cell.length_a   36.670
_cell.length_b   61.120
_cell.length_c   89.340
_cell.angle_alpha   90.000
_cell.angle_beta   90.000
_cell.angle_gamma   90.000
#
_symmetry.space_group_name_H-M   'P 21 21 21'
#
loop_
_entity.id
_entity.type
_entity.pdbx_description
1 polymer Hemagglutinin
2 non-polymer 1,2-ETHANEDIOL
3 water water
#
_entity_poly.entity_id   1
_entity_poly.type   'polypeptide(L)'
_entity_poly.pdbx_seq_one_letter_code
;GSAPLHLGKCNIAGWLLGNPECESLATASSWSYIVETSSSNNGTCYPGDFINYEELREQLSSVSSFEKFEIFPKTSSWPN
HETNKGVTAACPHAGTNSFYKNLIWLVKKENSYPKINISYTNNRGKEVLVLWAIHHPPTSTDQQSLYQNANSYVFVGSSR
YSRKFEPEIATRPKVRGQAGRMNYYWTLVEPGDKITFEATGNLVVPRYAFALKR
;
_entity_poly.pdbx_strand_id   A
#
loop_
_chem_comp.id
_chem_comp.type
_chem_comp.name
_chem_comp.formula
EDO non-polymer 1,2-ETHANEDIOL 'C2 H6 O2'
#
# COMPACT_ATOMS: atom_id res chain seq x y z
N SER A 2 0.75 10.01 28.66
CA SER A 2 -0.11 10.37 27.56
C SER A 2 0.19 9.46 26.39
N ALA A 3 1.24 8.65 26.53
CA ALA A 3 1.73 7.80 25.45
C ALA A 3 1.83 8.58 24.15
N PRO A 4 2.67 9.61 24.10
CA PRO A 4 2.98 10.23 22.81
C PRO A 4 3.57 9.20 21.86
N LEU A 5 3.26 9.33 20.58
CA LEU A 5 3.87 8.50 19.54
C LEU A 5 4.83 9.39 18.74
N HIS A 6 6.13 9.13 18.88
CA HIS A 6 7.16 9.87 18.15
C HIS A 6 7.67 9.00 17.02
N LEU A 7 7.51 9.44 15.78
CA LEU A 7 7.90 8.64 14.64
C LEU A 7 9.33 8.93 14.15
N GLY A 8 10.13 9.63 14.93
CA GLY A 8 11.53 9.83 14.55
C GLY A 8 11.65 10.69 13.30
N LYS A 9 12.41 10.20 12.33
CA LYS A 9 12.63 10.93 11.08
C LYS A 9 11.60 10.58 10.01
N CYS A 10 10.54 9.87 10.37
CA CYS A 10 9.49 9.48 9.44
C CYS A 10 8.20 10.24 9.74
N ASN A 11 7.33 10.28 8.74
CA ASN A 11 5.99 10.78 8.93
C ASN A 11 5.02 9.62 8.94
N ILE A 12 3.75 9.94 9.13
CA ILE A 12 2.74 8.90 9.24
C ILE A 12 2.69 8.03 7.99
N ALA A 13 2.79 8.65 6.80
CA ALA A 13 2.72 7.88 5.56
C ALA A 13 3.86 6.88 5.46
N GLY A 14 5.09 7.34 5.75
CA GLY A 14 6.22 6.44 5.64
C GLY A 14 6.15 5.30 6.65
N TRP A 15 5.68 5.62 7.86
CA TRP A 15 5.56 4.62 8.91
C TRP A 15 4.51 3.57 8.54
N LEU A 16 3.31 4.00 8.13
CA LEU A 16 2.24 3.05 7.84
C LEU A 16 2.50 2.24 6.58
N LEU A 17 3.07 2.87 5.55
CA LEU A 17 3.38 2.07 4.37
C LEU A 17 4.60 1.18 4.58
N GLY A 18 5.49 1.54 5.52
CA GLY A 18 6.68 0.77 5.77
C GLY A 18 7.87 1.16 4.91
N ASN A 19 8.04 2.46 4.67
CA ASN A 19 9.26 2.93 4.04
C ASN A 19 10.45 2.28 4.74
N PRO A 20 11.34 1.59 4.03
CA PRO A 20 12.38 0.80 4.71
C PRO A 20 13.26 1.62 5.64
N GLU A 21 13.41 2.92 5.39
CA GLU A 21 14.19 3.76 6.30
CA GLU A 21 14.17 3.77 6.29
C GLU A 21 13.49 3.97 7.64
N CYS A 22 12.20 3.62 7.74
CA CYS A 22 11.41 3.76 8.97
C CYS A 22 11.38 2.48 9.80
N GLU A 23 12.23 1.51 9.50
CA GLU A 23 12.19 0.22 10.19
C GLU A 23 12.55 0.33 11.67
N ALA A 28 4.29 0.62 18.17
CA ALA A 28 3.45 1.31 19.15
C ALA A 28 2.09 0.65 19.22
N SER A 29 1.54 0.50 20.43
CA SER A 29 0.24 -0.13 20.59
C SER A 29 -0.87 0.84 20.98
N SER A 30 -0.54 2.04 21.44
CA SER A 30 -1.54 3.04 21.76
C SER A 30 -0.87 4.39 21.88
N TRP A 31 -1.64 5.44 21.63
CA TRP A 31 -1.10 6.79 21.79
C TRP A 31 -2.25 7.78 21.91
N SER A 32 -2.00 8.86 22.66
CA SER A 32 -2.98 9.93 22.72
C SER A 32 -2.71 11.04 21.71
N TYR A 33 -1.50 11.13 21.18
CA TYR A 33 -1.21 12.05 20.09
C TYR A 33 0.08 11.62 19.41
N ILE A 34 0.24 12.08 18.17
CA ILE A 34 1.43 11.80 17.37
C ILE A 34 2.27 13.07 17.35
N VAL A 35 3.51 12.96 17.83
CA VAL A 35 4.39 14.13 17.89
C VAL A 35 4.66 14.63 16.48
N GLU A 36 4.48 15.93 16.28
CA GLU A 36 4.74 16.55 14.99
C GLU A 36 6.08 17.26 15.09
N THR A 37 6.99 16.93 14.18
CA THR A 37 8.31 17.54 14.13
C THR A 37 8.45 18.36 12.86
N SER A 38 9.55 19.12 12.81
CA SER A 38 9.89 19.97 11.68
C SER A 38 11.14 19.49 10.95
N SER A 39 11.56 18.24 11.19
CA SER A 39 12.79 17.77 10.57
C SER A 39 12.70 16.34 10.07
N SER A 40 11.51 15.75 10.01
CA SER A 40 11.39 14.42 9.42
C SER A 40 11.61 14.51 7.92
N ASN A 41 12.42 13.60 7.39
CA ASN A 41 12.77 13.65 5.99
C ASN A 41 12.50 12.33 5.27
N ASN A 42 11.80 11.38 5.91
CA ASN A 42 11.37 10.16 5.23
C ASN A 42 9.86 10.14 5.16
N GLY A 43 9.33 10.00 3.94
CA GLY A 43 7.89 9.95 3.77
C GLY A 43 7.56 8.86 2.77
N THR A 44 6.80 9.18 1.73
CA THR A 44 6.64 8.23 0.63
C THR A 44 7.87 8.32 -0.27
N CYS A 45 8.42 7.17 -0.65
CA CYS A 45 9.63 7.17 -1.46
C CYS A 45 9.36 7.02 -2.95
N TYR A 46 8.22 6.45 -3.34
CA TYR A 46 7.87 6.39 -4.76
C TYR A 46 6.93 7.54 -5.07
N PRO A 47 7.17 8.35 -6.11
CA PRO A 47 6.28 9.49 -6.37
C PRO A 47 4.86 9.04 -6.67
N GLY A 48 3.92 9.86 -6.26
CA GLY A 48 2.52 9.53 -6.32
C GLY A 48 1.78 10.22 -5.20
N ASP A 49 0.46 10.30 -5.35
CA ASP A 49 -0.35 11.03 -4.40
C ASP A 49 -0.91 10.08 -3.34
N PHE A 50 -0.83 10.49 -2.08
CA PHE A 50 -1.46 9.73 -0.98
C PHE A 50 -2.88 10.26 -0.82
N ILE A 51 -3.87 9.47 -1.23
CA ILE A 51 -5.23 9.98 -1.35
C ILE A 51 -5.89 10.04 0.02
N ASN A 52 -6.48 11.19 0.32
CA ASN A 52 -7.15 11.43 1.61
C ASN A 52 -6.18 11.23 2.78
N TYR A 53 -4.93 11.65 2.60
CA TYR A 53 -3.93 11.55 3.65
C TYR A 53 -4.34 12.33 4.90
N GLU A 54 -4.84 13.57 4.74
CA GLU A 54 -5.18 14.36 5.91
C GLU A 54 -6.27 13.69 6.74
N GLU A 55 -7.28 13.12 6.07
CA GLU A 55 -8.32 12.37 6.79
C GLU A 55 -7.73 11.19 7.55
N LEU A 56 -6.76 10.50 6.95
CA LEU A 56 -6.13 9.40 7.66
C LEU A 56 -5.40 9.87 8.92
N ARG A 57 -4.68 10.99 8.82
CA ARG A 57 -4.02 11.54 10.00
CA ARG A 57 -4.01 11.53 10.00
C ARG A 57 -5.02 11.86 11.10
N GLU A 58 -6.19 12.40 10.73
CA GLU A 58 -7.24 12.66 11.71
C GLU A 58 -7.73 11.37 12.36
N GLN A 59 -7.97 10.34 11.55
CA GLN A 59 -8.45 9.07 12.10
C GLN A 59 -7.46 8.46 13.06
N LEU A 60 -6.16 8.67 12.83
CA LEU A 60 -5.12 8.09 13.67
C LEU A 60 -4.60 9.05 14.72
N SER A 61 -5.31 10.15 14.96
CA SER A 61 -4.79 11.16 15.89
C SER A 61 -4.59 10.59 17.28
N SER A 62 -5.46 9.67 17.70
CA SER A 62 -5.30 8.98 18.96
CA SER A 62 -5.32 8.98 18.97
C SER A 62 -5.94 7.60 18.84
N VAL A 63 -5.26 6.58 19.35
CA VAL A 63 -5.80 5.22 19.28
C VAL A 63 -5.54 4.51 20.60
N SER A 64 -6.52 3.77 21.07
CA SER A 64 -6.36 3.02 22.30
C SER A 64 -5.81 1.63 22.08
N SER A 65 -5.81 1.16 20.83
CA SER A 65 -5.30 -0.17 20.52
C SER A 65 -4.87 -0.16 19.06
N PHE A 66 -3.69 -0.70 18.78
CA PHE A 66 -3.13 -0.70 17.43
C PHE A 66 -2.30 -1.97 17.28
N GLU A 67 -2.58 -2.76 16.25
CA GLU A 67 -1.86 -4.01 16.04
CA GLU A 67 -1.88 -4.03 16.04
C GLU A 67 -1.64 -4.22 14.55
N LYS A 68 -0.37 -4.40 14.18
CA LYS A 68 -0.03 -4.79 12.81
C LYS A 68 -0.19 -6.30 12.65
N PHE A 69 -0.84 -6.73 11.56
CA PHE A 69 -0.95 -8.16 11.29
C PHE A 69 -0.85 -8.39 9.79
N GLU A 70 -0.49 -9.61 9.41
CA GLU A 70 -0.27 -9.93 8.00
C GLU A 70 -1.60 -10.30 7.35
N ILE A 71 -2.25 -9.32 6.72
CA ILE A 71 -3.59 -9.52 6.19
C ILE A 71 -3.57 -10.53 5.05
N PHE A 72 -2.56 -10.43 4.17
CA PHE A 72 -2.38 -11.33 3.03
C PHE A 72 -0.97 -11.89 3.16
N PRO A 73 -0.78 -13.04 3.81
CA PRO A 73 0.56 -13.60 3.97
C PRO A 73 1.30 -13.66 2.64
N LYS A 74 2.53 -13.11 2.62
CA LYS A 74 3.26 -12.97 1.36
C LYS A 74 3.46 -14.33 0.68
N THR A 75 3.81 -15.36 1.44
CA THR A 75 4.26 -16.59 0.82
C THR A 75 3.12 -17.51 0.40
N SER A 76 1.87 -17.20 0.73
CA SER A 76 0.77 -18.06 0.36
C SER A 76 -0.36 -17.37 -0.38
N SER A 77 -0.37 -16.04 -0.44
CA SER A 77 -1.51 -15.34 -1.00
C SER A 77 -1.45 -15.19 -2.52
N TRP A 78 -0.26 -15.33 -3.13
CA TRP A 78 -0.07 -14.92 -4.52
C TRP A 78 0.66 -16.01 -5.30
N PRO A 79 0.13 -17.24 -5.30
CA PRO A 79 0.89 -18.37 -5.88
C PRO A 79 1.20 -18.23 -7.36
N ASN A 80 0.42 -17.47 -8.13
CA ASN A 80 0.64 -17.37 -9.56
C ASN A 80 1.18 -16.03 -9.98
N HIS A 81 1.71 -15.27 -9.01
CA HIS A 81 2.32 -13.97 -9.29
C HIS A 81 3.68 -13.92 -8.61
N GLU A 82 4.49 -12.96 -9.04
CA GLU A 82 5.85 -12.82 -8.53
C GLU A 82 5.87 -11.81 -7.39
N THR A 83 6.37 -12.24 -6.22
CA THR A 83 6.38 -11.41 -5.01
C THR A 83 7.75 -10.82 -4.66
N ASN A 84 8.83 -11.22 -5.34
CA ASN A 84 10.18 -10.83 -4.92
C ASN A 84 10.93 -9.97 -5.93
N LYS A 85 10.23 -9.29 -6.83
CA LYS A 85 10.92 -8.46 -7.82
C LYS A 85 10.46 -7.00 -7.82
N GLY A 86 9.58 -6.63 -6.92
CA GLY A 86 9.03 -5.29 -6.90
C GLY A 86 9.83 -4.35 -6.05
N VAL A 87 11.08 -4.09 -6.45
CA VAL A 87 11.97 -3.20 -5.72
C VAL A 87 12.48 -2.11 -6.64
N THR A 88 12.99 -1.04 -6.04
CA THR A 88 13.26 0.16 -6.81
C THR A 88 14.29 1.02 -6.09
N ALA A 89 15.14 1.67 -6.88
CA ALA A 89 16.11 2.61 -6.33
C ALA A 89 15.44 3.82 -5.70
N ALA A 90 14.15 4.06 -5.99
CA ALA A 90 13.44 5.14 -5.31
C ALA A 90 13.17 4.84 -3.84
N CYS A 91 13.25 3.57 -3.44
CA CYS A 91 12.93 3.15 -2.06
C CYS A 91 14.09 2.32 -1.54
N PRO A 92 15.24 2.94 -1.32
CA PRO A 92 16.42 2.17 -0.94
C PRO A 92 16.32 1.70 0.50
N HIS A 93 17.03 0.60 0.77
CA HIS A 93 17.18 0.08 2.12
C HIS A 93 18.66 -0.23 2.29
N ALA A 94 19.35 0.56 3.12
CA ALA A 94 20.80 0.47 3.26
C ALA A 94 21.49 0.34 1.89
N GLY A 95 21.11 1.24 0.98
CA GLY A 95 21.71 1.33 -0.33
C GLY A 95 21.15 0.37 -1.38
N THR A 96 20.45 -0.67 -0.96
CA THR A 96 19.89 -1.64 -1.92
C THR A 96 18.53 -1.18 -2.40
N ASN A 97 18.19 -1.58 -3.63
CA ASN A 97 16.82 -1.37 -4.12
C ASN A 97 15.83 -2.13 -3.25
N SER A 98 14.79 -1.43 -2.80
CA SER A 98 13.83 -2.06 -1.89
C SER A 98 12.45 -1.49 -2.15
N PHE A 99 11.58 -1.53 -1.13
CA PHE A 99 10.19 -1.13 -1.32
C PHE A 99 9.55 -1.07 0.07
N TYR A 100 8.39 -0.43 0.10
CA TYR A 100 7.55 -0.43 1.29
C TYR A 100 7.40 -1.83 1.85
N LYS A 101 7.59 -1.97 3.16
CA LYS A 101 7.54 -3.29 3.73
C LYS A 101 6.12 -3.77 4.02
N ASN A 102 5.11 -2.88 4.08
CA ASN A 102 3.75 -3.31 4.38
C ASN A 102 2.91 -3.56 3.16
N LEU A 103 3.48 -3.37 1.96
CA LEU A 103 2.84 -3.66 0.68
C LEU A 103 3.79 -4.55 -0.12
N ILE A 104 3.25 -5.20 -1.15
CA ILE A 104 4.07 -5.93 -2.11
C ILE A 104 3.76 -5.43 -3.50
N TRP A 105 4.79 -5.06 -4.25
CA TRP A 105 4.66 -4.66 -5.65
C TRP A 105 4.69 -5.94 -6.46
N LEU A 106 3.51 -6.52 -6.64
CA LEU A 106 3.34 -7.76 -7.37
C LEU A 106 3.58 -7.55 -8.87
N VAL A 107 4.29 -8.47 -9.50
CA VAL A 107 4.51 -8.41 -10.94
C VAL A 107 4.22 -9.77 -11.55
N LYS A 108 4.30 -9.83 -12.89
CA LYS A 108 3.98 -11.04 -13.62
C LYS A 108 4.96 -12.17 -13.27
N LYS A 109 4.50 -13.40 -13.53
CA LYS A 109 5.29 -14.59 -13.33
C LYS A 109 5.21 -15.39 -14.61
N GLU A 110 6.37 -15.72 -15.17
CA GLU A 110 6.46 -16.52 -16.39
C GLU A 110 5.59 -15.95 -17.50
N ASN A 111 5.72 -14.63 -17.70
CA ASN A 111 5.06 -13.92 -18.80
CA ASN A 111 5.06 -13.92 -18.80
C ASN A 111 3.54 -14.05 -18.72
N SER A 112 3.02 -14.10 -17.50
CA SER A 112 1.58 -14.18 -17.32
C SER A 112 1.21 -13.41 -16.06
N TYR A 113 0.09 -12.73 -16.10
CA TYR A 113 -0.48 -12.10 -14.91
C TYR A 113 -1.93 -12.55 -14.84
N PRO A 114 -2.18 -13.70 -14.20
CA PRO A 114 -3.57 -14.17 -14.07
C PRO A 114 -4.40 -13.20 -13.25
N LYS A 115 -5.73 -13.30 -13.40
CA LYS A 115 -6.58 -12.44 -12.59
C LYS A 115 -6.38 -12.74 -11.11
N ILE A 116 -6.32 -11.66 -10.32
CA ILE A 116 -6.34 -11.71 -8.86
C ILE A 116 -7.77 -11.48 -8.40
N ASN A 117 -8.23 -12.29 -7.45
CA ASN A 117 -9.53 -12.06 -6.80
C ASN A 117 -9.38 -12.61 -5.38
N ILE A 118 -9.08 -11.73 -4.43
CA ILE A 118 -8.74 -12.15 -3.07
C ILE A 118 -9.52 -11.29 -2.09
N SER A 119 -9.91 -11.88 -0.97
CA SER A 119 -10.69 -11.13 0.00
CA SER A 119 -10.71 -11.16 0.01
C SER A 119 -10.13 -11.34 1.41
N TYR A 120 -10.40 -10.36 2.26
CA TYR A 120 -10.13 -10.47 3.69
C TYR A 120 -11.42 -10.17 4.42
N THR A 121 -11.81 -11.05 5.35
CA THR A 121 -12.99 -10.86 6.16
C THR A 121 -12.55 -10.51 7.58
N ASN A 122 -13.05 -9.40 8.11
CA ASN A 122 -12.61 -8.89 9.41
C ASN A 122 -13.27 -9.68 10.54
N ASN A 123 -12.49 -10.62 11.10
CA ASN A 123 -12.95 -11.43 12.23
C ASN A 123 -12.36 -10.97 13.54
N ARG A 124 -11.93 -9.70 13.62
CA ARG A 124 -11.16 -9.23 14.77
C ARG A 124 -11.95 -8.42 15.78
N GLY A 125 -13.21 -8.07 15.49
CA GLY A 125 -13.96 -7.26 16.42
C GLY A 125 -13.44 -5.85 16.61
N LYS A 126 -12.54 -5.42 15.74
CA LYS A 126 -12.02 -4.06 15.71
C LYS A 126 -11.94 -3.63 14.26
N GLU A 127 -11.98 -2.32 14.02
CA GLU A 127 -11.73 -1.83 12.67
CA GLU A 127 -11.73 -1.81 12.67
C GLU A 127 -10.36 -2.26 12.18
N VAL A 128 -10.27 -2.51 10.87
CA VAL A 128 -9.01 -2.87 10.24
C VAL A 128 -8.70 -1.83 9.17
N LEU A 129 -7.55 -1.18 9.29
CA LEU A 129 -7.05 -0.22 8.32
C LEU A 129 -6.23 -0.95 7.27
N VAL A 130 -6.65 -0.84 6.01
CA VAL A 130 -6.00 -1.53 4.90
C VAL A 130 -5.46 -0.46 3.95
N LEU A 131 -4.19 -0.60 3.55
CA LEU A 131 -3.57 0.30 2.58
C LEU A 131 -3.12 -0.46 1.35
N TRP A 132 -3.19 0.21 0.21
CA TRP A 132 -2.71 -0.38 -1.04
C TRP A 132 -2.26 0.75 -1.96
N ALA A 133 -1.72 0.40 -3.12
CA ALA A 133 -1.39 1.43 -4.10
C ALA A 133 -1.70 0.94 -5.51
N ILE A 134 -1.80 1.89 -6.42
CA ILE A 134 -2.12 1.66 -7.83
C ILE A 134 -0.96 2.23 -8.64
N HIS A 135 -0.33 1.39 -9.47
CA HIS A 135 0.86 1.82 -10.22
C HIS A 135 0.46 2.28 -11.62
N HIS A 136 0.97 3.46 -12.00
CA HIS A 136 0.78 4.02 -13.34
C HIS A 136 2.11 4.10 -14.04
N PRO A 137 2.45 3.14 -14.89
CA PRO A 137 3.77 3.13 -15.54
C PRO A 137 3.92 4.28 -16.51
N PRO A 138 5.15 4.64 -16.89
CA PRO A 138 5.32 5.74 -17.83
C PRO A 138 5.17 5.35 -19.28
N THR A 139 5.24 4.05 -19.60
CA THR A 139 5.30 3.60 -20.98
C THR A 139 4.57 2.27 -21.08
N SER A 140 4.15 1.95 -22.32
CA SER A 140 3.58 0.64 -22.57
CA SER A 140 3.58 0.63 -22.59
C SER A 140 4.62 -0.46 -22.41
N THR A 141 5.89 -0.15 -22.67
CA THR A 141 6.98 -1.09 -22.45
C THR A 141 7.01 -1.54 -21.00
N ASP A 142 6.92 -0.59 -20.07
CA ASP A 142 6.93 -0.92 -18.66
C ASP A 142 5.67 -1.67 -18.25
N GLN A 143 4.51 -1.26 -18.79
CA GLN A 143 3.28 -1.98 -18.50
C GLN A 143 3.41 -3.46 -18.88
N GLN A 144 3.96 -3.72 -20.06
CA GLN A 144 4.17 -5.10 -20.49
C GLN A 144 5.23 -5.81 -19.65
N SER A 145 6.34 -5.12 -19.35
CA SER A 145 7.41 -5.76 -18.58
CA SER A 145 7.41 -5.76 -18.59
C SER A 145 6.92 -6.20 -17.20
N LEU A 146 6.11 -5.35 -16.56
CA LEU A 146 5.66 -5.60 -15.21
C LEU A 146 4.44 -6.51 -15.16
N TYR A 147 3.46 -6.29 -16.04
CA TYR A 147 2.14 -6.88 -15.85
C TYR A 147 1.64 -7.67 -17.06
N GLN A 148 2.43 -7.76 -18.14
CA GLN A 148 2.13 -8.49 -19.37
C GLN A 148 0.92 -7.88 -20.10
N ASN A 149 -0.21 -7.78 -19.40
CA ASN A 149 -1.47 -7.31 -19.97
C ASN A 149 -1.41 -5.81 -20.28
N ALA A 150 -1.87 -5.43 -21.47
CA ALA A 150 -1.79 -4.04 -21.90
C ALA A 150 -2.84 -3.16 -21.21
N ASN A 151 -4.05 -3.67 -21.00
CA ASN A 151 -5.20 -2.87 -20.51
C ASN A 151 -5.83 -3.50 -19.27
N SER A 152 -5.39 -3.05 -18.13
CA SER A 152 -5.69 -3.69 -16.85
CA SER A 152 -5.71 -3.71 -16.87
C SER A 152 -6.74 -2.89 -16.08
N TYR A 153 -7.24 -3.51 -15.02
CA TYR A 153 -8.09 -2.79 -14.07
C TYR A 153 -7.81 -3.32 -12.68
N VAL A 154 -8.21 -2.52 -11.68
CA VAL A 154 -8.18 -2.94 -10.28
C VAL A 154 -9.51 -2.55 -9.68
N PHE A 155 -10.13 -3.45 -8.94
CA PHE A 155 -11.33 -3.12 -8.18
C PHE A 155 -11.08 -3.40 -6.71
N VAL A 156 -11.48 -2.48 -5.84
CA VAL A 156 -11.44 -2.70 -4.39
C VAL A 156 -12.82 -2.40 -3.83
N GLY A 157 -13.40 -3.35 -3.10
CA GLY A 157 -14.75 -3.12 -2.60
C GLY A 157 -15.00 -3.69 -1.23
N SER A 158 -15.76 -2.97 -0.41
CA SER A 158 -16.25 -3.44 0.88
C SER A 158 -17.68 -2.94 1.03
N SER A 159 -18.22 -3.01 2.25
CA SER A 159 -19.53 -2.41 2.45
C SER A 159 -19.48 -0.90 2.55
N ARG A 160 -18.28 -0.34 2.77
CA ARG A 160 -18.10 1.10 2.93
C ARG A 160 -17.39 1.76 1.76
N TYR A 161 -16.68 0.99 0.94
CA TYR A 161 -15.76 1.54 -0.03
C TYR A 161 -15.95 0.81 -1.35
N SER A 162 -15.92 1.54 -2.46
CA SER A 162 -15.93 0.85 -3.75
C SER A 162 -15.26 1.74 -4.78
N ARG A 163 -14.24 1.21 -5.46
CA ARG A 163 -13.61 1.98 -6.52
C ARG A 163 -12.99 1.04 -7.55
N LYS A 164 -13.20 1.36 -8.82
CA LYS A 164 -12.54 0.69 -9.93
C LYS A 164 -11.49 1.64 -10.47
N PHE A 165 -10.26 1.14 -10.58
CA PHE A 165 -9.14 1.91 -11.06
C PHE A 165 -8.79 1.46 -12.46
N GLU A 166 -8.59 2.43 -13.35
CA GLU A 166 -8.12 2.20 -14.72
C GLU A 166 -6.73 2.78 -14.82
N PRO A 167 -5.69 2.00 -14.58
CA PRO A 167 -4.33 2.55 -14.59
C PRO A 167 -4.00 3.17 -15.92
N GLU A 168 -3.33 4.32 -15.85
CA GLU A 168 -2.96 5.04 -17.05
C GLU A 168 -1.49 4.80 -17.34
N ILE A 169 -1.13 4.96 -18.60
CA ILE A 169 0.25 5.01 -19.05
C ILE A 169 0.55 6.46 -19.32
N ALA A 170 1.52 7.02 -18.60
CA ALA A 170 1.80 8.45 -18.73
C ALA A 170 3.22 8.70 -18.29
N THR A 171 4.03 9.29 -19.16
CA THR A 171 5.38 9.69 -18.76
C THR A 171 5.29 11.02 -18.04
N ARG A 172 5.71 11.04 -16.77
CA ARG A 172 5.72 12.20 -15.91
C ARG A 172 7.16 12.63 -15.65
N PRO A 173 7.39 13.84 -15.13
CA PRO A 173 8.76 14.24 -14.82
C PRO A 173 9.41 13.27 -13.85
N LYS A 174 10.70 13.06 -14.02
CA LYS A 174 11.41 12.13 -13.16
C LYS A 174 11.48 12.67 -11.74
N VAL A 175 11.00 11.86 -10.79
CA VAL A 175 11.09 12.16 -9.37
C VAL A 175 11.68 10.94 -8.66
N ARG A 176 12.78 11.14 -7.93
CA ARG A 176 13.55 10.02 -7.35
C ARG A 176 13.80 8.93 -8.39
N GLY A 177 14.11 9.37 -9.61
CA GLY A 177 14.45 8.51 -10.73
C GLY A 177 13.28 7.95 -11.50
N GLN A 178 12.05 8.24 -11.10
CA GLN A 178 10.88 7.53 -11.61
C GLN A 178 10.00 8.45 -12.45
N ALA A 179 9.66 8.00 -13.65
CA ALA A 179 8.72 8.72 -14.50
C ALA A 179 7.30 8.18 -14.39
N GLY A 180 7.12 7.06 -13.70
CA GLY A 180 5.79 6.58 -13.32
C GLY A 180 5.40 7.09 -11.96
N ARG A 181 4.23 6.65 -11.52
CA ARG A 181 3.65 7.12 -10.26
C ARG A 181 2.89 5.97 -9.62
N MET A 182 2.80 5.99 -8.29
CA MET A 182 1.83 5.13 -7.63
CA MET A 182 1.92 5.09 -7.53
C MET A 182 1.06 5.94 -6.62
N ASN A 183 -0.26 5.83 -6.72
CA ASN A 183 -1.14 6.55 -5.81
C ASN A 183 -1.52 5.61 -4.68
N TYR A 184 -1.56 6.14 -3.46
CA TYR A 184 -1.78 5.34 -2.27
C TYR A 184 -3.19 5.56 -1.75
N TYR A 185 -3.81 4.47 -1.30
CA TYR A 185 -5.21 4.45 -0.90
C TYR A 185 -5.34 3.69 0.42
N TRP A 186 -6.41 3.99 1.13
CA TRP A 186 -6.68 3.34 2.40
C TRP A 186 -8.18 3.29 2.62
N THR A 187 -8.61 2.31 3.41
CA THR A 187 -9.98 2.28 3.89
C THR A 187 -10.01 1.55 5.23
N LEU A 188 -11.07 1.81 6.01
CA LEU A 188 -11.31 1.10 7.27
C LEU A 188 -12.40 0.05 7.04
N VAL A 189 -12.09 -1.19 7.37
CA VAL A 189 -13.01 -2.31 7.19
C VAL A 189 -13.65 -2.60 8.55
N GLU A 190 -14.97 -2.51 8.60
CA GLU A 190 -15.69 -2.68 9.85
CA GLU A 190 -15.71 -2.69 9.85
C GLU A 190 -15.67 -4.16 10.29
N PRO A 191 -15.75 -4.42 11.59
CA PRO A 191 -15.86 -5.82 12.04
C PRO A 191 -17.01 -6.53 11.34
N GLY A 192 -16.73 -7.74 10.85
CA GLY A 192 -17.70 -8.55 10.18
C GLY A 192 -17.76 -8.36 8.68
N ASP A 193 -17.20 -7.27 8.16
CA ASP A 193 -17.26 -6.95 6.74
C ASP A 193 -16.11 -7.61 5.99
N LYS A 194 -16.25 -7.64 4.66
CA LYS A 194 -15.28 -8.25 3.75
C LYS A 194 -14.78 -7.17 2.81
N ILE A 195 -13.46 -7.15 2.58
CA ILE A 195 -12.89 -6.32 1.52
C ILE A 195 -12.32 -7.23 0.45
N THR A 196 -12.61 -6.90 -0.81
CA THR A 196 -12.17 -7.71 -1.94
C THR A 196 -11.28 -6.89 -2.85
N PHE A 197 -10.20 -7.50 -3.32
CA PHE A 197 -9.31 -6.92 -4.31
C PHE A 197 -9.37 -7.77 -5.57
N GLU A 198 -9.67 -7.14 -6.71
CA GLU A 198 -9.61 -7.79 -8.02
CA GLU A 198 -9.58 -7.80 -8.01
C GLU A 198 -8.64 -7.02 -8.89
N ALA A 199 -7.82 -7.73 -9.68
CA ALA A 199 -6.89 -7.00 -10.51
C ALA A 199 -6.39 -7.84 -11.66
N THR A 200 -6.12 -7.16 -12.78
CA THR A 200 -5.42 -7.78 -13.91
C THR A 200 -4.08 -7.08 -14.17
N GLY A 201 -3.59 -6.30 -13.22
CA GLY A 201 -2.31 -5.60 -13.33
C GLY A 201 -2.30 -4.45 -12.35
N ASN A 202 -1.10 -3.94 -12.07
CA ASN A 202 -0.92 -2.58 -11.52
C ASN A 202 -1.33 -2.41 -10.07
N LEU A 203 -1.57 -3.50 -9.34
CA LEU A 203 -1.99 -3.41 -7.95
C LEU A 203 -0.79 -3.68 -7.04
N VAL A 204 -0.48 -2.72 -6.17
CA VAL A 204 0.50 -2.89 -5.12
C VAL A 204 -0.29 -3.37 -3.92
N VAL A 205 -0.17 -4.66 -3.59
CA VAL A 205 -1.14 -5.32 -2.71
C VAL A 205 -0.82 -5.06 -1.24
N PRO A 206 -1.82 -5.06 -0.35
CA PRO A 206 -1.51 -5.11 1.09
C PRO A 206 -0.71 -6.35 1.43
N ARG A 207 0.25 -6.19 2.33
CA ARG A 207 0.84 -7.31 3.06
C ARG A 207 0.51 -7.25 4.53
N TYR A 208 0.77 -6.11 5.17
CA TYR A 208 0.42 -5.88 6.57
C TYR A 208 -0.65 -4.81 6.63
N ALA A 209 -1.64 -5.03 7.50
CA ALA A 209 -2.71 -4.09 7.79
C ALA A 209 -2.74 -3.87 9.30
N PHE A 210 -3.66 -3.04 9.78
CA PHE A 210 -3.61 -2.60 11.17
C PHE A 210 -4.98 -2.71 11.82
N ALA A 211 -5.08 -3.52 12.87
CA ALA A 211 -6.30 -3.54 13.65
C ALA A 211 -6.24 -2.43 14.67
N LEU A 212 -7.33 -1.70 14.84
CA LEU A 212 -7.26 -0.56 15.74
C LEU A 212 -8.60 -0.27 16.40
N LYS A 213 -8.52 0.45 17.51
CA LYS A 213 -9.67 1.01 18.20
C LYS A 213 -9.29 2.41 18.65
N ARG A 214 -10.16 3.37 18.37
CA ARG A 214 -9.94 4.72 18.90
C ARG A 214 -10.14 4.83 20.42
C1 EDO B . 11.82 10.76 1.22
O1 EDO B . 11.31 9.56 1.81
C2 EDO B . 10.83 11.21 0.15
O2 EDO B . 9.52 11.28 0.75
#